data_7F87
#
_entry.id   7F87
#
_cell.length_a   34.608
_cell.length_b   55.674
_cell.length_c   75.312
_cell.angle_alpha   90.00
_cell.angle_beta   103.22
_cell.angle_gamma   90.00
#
_symmetry.space_group_name_H-M   'P 1 21 1'
#
loop_
_entity.id
_entity.type
_entity.pdbx_description
1 polymer 'Class A sortase'
2 polymer 'Self Derived Peptide'
3 non-polymer 'PHOSPHATE ION'
4 non-polymer 1,2-ETHANEDIOL
5 water water
#
loop_
_entity_poly.entity_id
_entity_poly.type
_entity_poly.pdbx_seq_one_letter_code
_entity_poly.pdbx_strand_id
1 'polypeptide(L)'
;ALTRNLHPIGKIAITSVHLKLPILKGLSNDNLSAGAGTMKADQKMGEGNYALAGHYMTNQGILFSPLKNVQTGDTVAITN
MKKVYTYKVTTKQIVNETQVQWIDDVAGKKLITLVT(CSD)ASPTEGEVDRIIVQGELQSVKKANQKNLKIFL
;
A,B
2 'polypeptide(L)' ALT F,G
#
loop_
_chem_comp.id
_chem_comp.type
_chem_comp.name
_chem_comp.formula
EDO non-polymer 1,2-ETHANEDIOL 'C2 H6 O2'
PO4 non-polymer 'PHOSPHATE ION' 'O4 P -3'
#
# COMPACT_ATOMS: atom_id res chain seq x y z
N ASN A 5 2.00 -6.24 -11.54
CA ASN A 5 3.27 -6.82 -11.94
C ASN A 5 4.40 -5.81 -12.21
N LEU A 6 4.33 -4.65 -11.54
CA LEU A 6 5.42 -3.68 -11.56
C LEU A 6 6.54 -3.96 -10.52
N HIS A 7 6.19 -4.69 -9.47
CA HIS A 7 7.10 -5.20 -8.44
C HIS A 7 7.75 -4.07 -7.64
N PRO A 8 6.97 -3.36 -6.79
CA PRO A 8 7.52 -2.31 -5.94
C PRO A 8 8.72 -2.79 -5.11
N ILE A 9 9.69 -1.91 -4.92
CA ILE A 9 10.90 -2.18 -4.15
C ILE A 9 10.88 -1.48 -2.81
N GLY A 10 9.84 -0.69 -2.57
CA GLY A 10 9.70 0.02 -1.32
C GLY A 10 8.45 0.85 -1.29
N LYS A 11 8.40 1.77 -0.32
CA LYS A 11 7.29 2.71 -0.19
C LYS A 11 7.80 4.03 0.29
N ILE A 12 7.08 5.08 -0.08
CA ILE A 12 7.33 6.45 0.36
C ILE A 12 6.09 7.01 1.00
N ALA A 13 6.29 7.76 2.09
CA ALA A 13 5.24 8.47 2.79
C ALA A 13 5.68 9.88 3.10
N ILE A 14 4.77 10.83 2.82
CA ILE A 14 4.89 12.21 3.24
C ILE A 14 3.58 12.59 3.96
N THR A 15 3.59 12.46 5.28
CA THR A 15 2.39 12.63 6.10
C THR A 15 1.80 14.03 5.97
N SER A 16 2.66 15.04 5.80
CA SER A 16 2.23 16.43 5.70
C SER A 16 1.29 16.70 4.53
N VAL A 17 1.39 15.89 3.47
CA VAL A 17 0.49 16.00 2.32
C VAL A 17 -0.28 14.71 2.04
N HIS A 18 -0.29 13.80 3.01
CA HIS A 18 -1.04 12.54 2.92
C HIS A 18 -0.65 11.73 1.68
N LEU A 19 0.64 11.69 1.39
CA LEU A 19 1.14 10.94 0.25
C LEU A 19 1.65 9.63 0.75
N LYS A 20 1.21 8.54 0.12
CA LYS A 20 1.72 7.20 0.39
C LYS A 20 1.66 6.46 -0.92
N LEU A 21 2.84 6.10 -1.43
CA LEU A 21 3.00 5.50 -2.75
C LEU A 21 4.05 4.40 -2.72
N PRO A 22 3.94 3.42 -3.63
CA PRO A 22 5.01 2.46 -3.86
C PRO A 22 6.21 3.16 -4.53
N ILE A 23 7.42 2.68 -4.22
CA ILE A 23 8.63 3.00 -4.94
C ILE A 23 8.88 1.82 -5.87
N LEU A 24 9.17 2.14 -7.13
CA LEU A 24 9.39 1.17 -8.19
C LEU A 24 10.74 1.46 -8.84
N LYS A 25 11.35 0.43 -9.46
CA LYS A 25 12.64 0.58 -10.09
C LYS A 25 12.49 1.08 -11.52
N GLY A 26 13.10 2.24 -11.78
CA GLY A 26 13.17 2.83 -13.11
C GLY A 26 11.98 3.70 -13.42
N LEU A 27 12.12 4.42 -14.54
CA LEU A 27 11.19 5.46 -14.94
C LEU A 27 10.35 5.07 -16.13
N SER A 28 9.86 3.83 -16.15
CA SER A 28 8.85 3.43 -17.12
C SER A 28 7.60 4.28 -16.91
N ASN A 29 6.85 4.49 -18.00
CA ASN A 29 5.60 5.20 -17.91
C ASN A 29 4.63 4.57 -16.93
N ASP A 30 4.59 3.24 -16.91
CA ASP A 30 3.77 2.53 -15.92
C ASP A 30 4.17 2.87 -14.47
N ASN A 31 5.48 2.85 -14.19
CA ASN A 31 6.00 3.17 -12.86
C ASN A 31 5.61 4.59 -12.45
N LEU A 32 5.87 5.55 -13.32
CA LEU A 32 5.60 6.97 -13.11
C LEU A 32 4.10 7.25 -12.88
N SER A 33 3.23 6.36 -13.38
CA SER A 33 1.79 6.44 -13.19
C SER A 33 1.27 5.75 -11.94
N ALA A 34 2.11 4.91 -11.33
CA ALA A 34 1.69 4.11 -10.18
C ALA A 34 2.30 4.61 -8.88
N GLY A 35 3.45 5.27 -8.97
CA GLY A 35 4.17 5.66 -7.79
C GLY A 35 5.41 6.43 -8.12
N ALA A 36 6.40 6.33 -7.23
CA ALA A 36 7.69 6.97 -7.36
C ALA A 36 8.69 6.00 -7.99
N GLY A 37 9.25 6.36 -9.15
CA GLY A 37 10.25 5.56 -9.83
C GLY A 37 11.66 6.04 -9.51
N THR A 38 12.58 5.11 -9.31
CA THR A 38 13.97 5.45 -9.04
C THR A 38 14.61 6.03 -10.29
N MET A 39 15.29 7.16 -10.13
CA MET A 39 15.80 7.93 -11.26
C MET A 39 17.17 7.46 -11.70
N LYS A 40 17.90 6.76 -10.82
CA LYS A 40 19.22 6.21 -11.13
C LYS A 40 19.27 4.72 -10.85
N ALA A 41 20.03 3.99 -11.69
CA ALA A 41 20.14 2.53 -11.61
C ALA A 41 20.74 2.04 -10.29
N ASP A 42 21.73 2.77 -9.76
CA ASP A 42 22.57 2.25 -8.69
C ASP A 42 22.34 2.87 -7.28
N GLN A 43 21.29 3.67 -7.11
CA GLN A 43 21.06 4.40 -5.87
C GLN A 43 20.61 3.46 -4.77
N LYS A 44 20.85 3.85 -3.52
CA LYS A 44 20.52 3.05 -2.35
C LYS A 44 19.92 3.96 -1.29
N MET A 45 18.91 3.45 -0.59
CA MET A 45 18.20 4.22 0.43
C MET A 45 19.22 4.58 1.49
N GLY A 46 19.20 5.84 1.93
CA GLY A 46 20.08 6.29 2.98
C GLY A 46 21.48 6.68 2.56
N GLU A 47 21.77 6.57 1.26
CA GLU A 47 23.10 6.85 0.68
C GLU A 47 22.98 7.84 -0.44
N GLY A 48 24.07 8.61 -0.65
CA GLY A 48 24.16 9.54 -1.75
C GLY A 48 22.94 10.41 -1.90
N ASN A 49 22.47 10.56 -3.14
CA ASN A 49 21.24 11.28 -3.45
C ASN A 49 20.25 10.32 -4.08
N TYR A 50 19.30 9.87 -3.26
CA TYR A 50 18.24 8.90 -3.65
C TYR A 50 17.14 9.66 -4.39
N ALA A 51 17.08 9.52 -5.73
CA ALA A 51 16.19 10.33 -6.56
C ALA A 51 14.98 9.53 -7.03
N LEU A 52 13.81 10.19 -6.97
CA LEU A 52 12.53 9.54 -7.30
C LEU A 52 11.70 10.49 -8.11
N ALA A 53 11.08 9.98 -9.19
CA ALA A 53 10.19 10.77 -10.02
C ALA A 53 8.82 10.12 -10.11
N GLY A 54 7.80 10.96 -10.27
CA GLY A 54 6.45 10.50 -10.52
C GLY A 54 5.65 11.52 -11.30
N HIS A 55 4.65 11.04 -12.05
CA HIS A 55 3.74 11.91 -12.78
C HIS A 55 3.00 12.79 -11.78
N TYR A 56 2.76 14.04 -12.19
CA TYR A 56 1.99 15.04 -11.42
C TYR A 56 0.58 14.46 -11.18
N MET A 57 -0.07 14.02 -12.25
CA MET A 57 -1.32 13.26 -12.13
C MET A 57 -1.49 12.29 -13.26
N THR A 58 -2.47 11.39 -13.08
CA THR A 58 -2.83 10.40 -14.09
C THR A 58 -4.27 10.65 -14.50
N ASN A 59 -4.80 9.77 -15.36
CA ASN A 59 -6.22 9.74 -15.72
C ASN A 59 -7.10 9.69 -14.47
N GLN A 60 -6.65 8.93 -13.47
CA GLN A 60 -7.41 8.68 -12.25
C GLN A 60 -7.52 9.92 -11.37
N GLY A 61 -6.42 10.67 -11.26
CA GLY A 61 -6.34 11.86 -10.43
C GLY A 61 -4.90 12.15 -10.07
N ILE A 62 -4.68 12.71 -8.87
CA ILE A 62 -3.35 13.13 -8.43
C ILE A 62 -2.42 11.95 -8.18
N LEU A 63 -1.12 12.15 -8.41
CA LEU A 63 -0.10 11.16 -8.07
C LEU A 63 0.97 11.86 -7.22
N PHE A 64 1.90 12.58 -7.89
CA PHE A 64 3.00 13.29 -7.21
C PHE A 64 2.72 14.79 -7.10
N SER A 65 1.55 15.24 -7.57
CA SER A 65 1.17 16.66 -7.41
C SER A 65 1.19 17.18 -5.96
N PRO A 66 0.90 16.36 -4.91
CA PRO A 66 1.00 16.86 -3.53
C PRO A 66 2.37 17.43 -3.13
N LEU A 67 3.43 17.11 -3.88
CA LEU A 67 4.74 17.70 -3.69
C LEU A 67 4.69 19.24 -3.69
N LYS A 68 3.80 19.80 -4.49
CA LYS A 68 3.64 21.25 -4.55
C LYS A 68 3.26 21.87 -3.19
N ASN A 69 2.69 21.07 -2.29
CA ASN A 69 2.28 21.51 -0.95
C ASN A 69 3.24 21.16 0.18
N VAL A 70 4.34 20.48 -0.17
CA VAL A 70 5.37 20.10 0.79
C VAL A 70 6.16 21.35 1.11
N GLN A 71 6.48 21.52 2.40
CA GLN A 71 7.27 22.66 2.87
C GLN A 71 8.58 22.22 3.49
N THR A 72 9.57 23.12 3.44
CA THR A 72 10.81 22.97 4.19
C THR A 72 10.47 22.62 5.63
N GLY A 73 11.21 21.65 6.18
CA GLY A 73 10.97 21.11 7.49
C GLY A 73 10.05 19.91 7.56
N ASP A 74 9.27 19.65 6.50
CA ASP A 74 8.45 18.45 6.44
C ASP A 74 9.36 17.20 6.39
N THR A 75 8.83 16.07 6.86
CA THR A 75 9.55 14.83 6.82
C THR A 75 9.04 13.97 5.66
N VAL A 76 9.98 13.23 5.07
CA VAL A 76 9.70 12.28 4.01
C VAL A 76 10.34 10.99 4.45
N ALA A 77 9.58 9.89 4.43
CA ALA A 77 10.07 8.61 4.86
C ALA A 77 9.94 7.61 3.73
N ILE A 78 10.99 6.81 3.55
CA ILE A 78 10.97 5.69 2.65
C ILE A 78 11.38 4.45 3.38
N THR A 79 10.93 3.30 2.87
CA THR A 79 11.32 2.03 3.42
C THR A 79 11.44 0.98 2.34
N ASN A 80 12.34 0.02 2.57
CA ASN A 80 12.47 -1.18 1.76
C ASN A 80 11.99 -2.39 2.57
N MET A 81 11.27 -2.11 3.65
CA MET A 81 10.78 -3.10 4.63
C MET A 81 11.87 -3.76 5.50
N LYS A 82 13.11 -3.27 5.39
CA LYS A 82 14.22 -3.65 6.27
C LYS A 82 14.55 -2.50 7.23
N LYS A 83 14.71 -1.30 6.67
CA LYS A 83 14.90 -0.10 7.45
C LYS A 83 13.96 0.99 6.97
N VAL A 84 13.73 1.98 7.83
CA VAL A 84 12.95 3.16 7.48
C VAL A 84 13.92 4.33 7.52
N TYR A 85 13.97 5.06 6.41
CA TYR A 85 14.88 6.21 6.19
C TYR A 85 14.02 7.48 6.21
N THR A 86 14.24 8.37 7.19
CA THR A 86 13.47 9.59 7.31
C THR A 86 14.35 10.74 6.99
N TYR A 87 13.87 11.56 6.06
CA TYR A 87 14.55 12.75 5.51
C TYR A 87 13.74 13.99 5.93
N LYS A 88 14.41 15.13 6.10
CA LYS A 88 13.77 16.39 6.41
C LYS A 88 13.97 17.30 5.20
N VAL A 89 12.86 17.84 4.67
CA VAL A 89 12.88 18.67 3.47
C VAL A 89 13.66 19.94 3.77
N THR A 90 14.65 20.21 2.92
CA THR A 90 15.52 21.38 3.02
C THR A 90 15.24 22.40 1.93
N THR A 91 14.62 21.98 0.83
CA THR A 91 14.20 22.90 -0.22
C THR A 91 13.09 22.35 -1.06
N LYS A 92 12.28 23.27 -1.58
CA LYS A 92 11.30 22.99 -2.62
C LYS A 92 11.48 24.12 -3.61
N GLN A 93 11.64 23.75 -4.90
CA GLN A 93 11.92 24.68 -5.98
C GLN A 93 11.10 24.24 -7.18
N ILE A 94 10.81 25.19 -8.06
CA ILE A 94 10.34 24.90 -9.42
C ILE A 94 11.50 25.23 -10.32
N VAL A 95 11.94 24.25 -11.11
CA VAL A 95 13.12 24.39 -11.94
C VAL A 95 12.79 23.93 -13.35
N ASN A 96 13.65 24.31 -14.30
CA ASN A 96 13.56 23.83 -15.66
C ASN A 96 13.99 22.36 -15.72
N GLU A 97 13.32 21.58 -16.57
CA GLU A 97 13.61 20.18 -16.79
C GLU A 97 15.08 19.88 -17.13
N THR A 98 15.83 20.89 -17.60
CA THR A 98 17.23 20.69 -17.96
C THR A 98 18.18 20.58 -16.76
N GLN A 99 17.69 20.93 -15.57
CA GLN A 99 18.51 20.97 -14.36
C GLN A 99 18.68 19.58 -13.75
N VAL A 100 19.34 18.69 -14.49
CA VAL A 100 19.47 17.29 -14.12
C VAL A 100 20.41 17.06 -12.94
N GLN A 101 21.23 18.06 -12.62
CA GLN A 101 22.21 17.95 -11.56
C GLN A 101 21.56 17.81 -10.18
N TRP A 102 20.29 18.18 -10.07
CA TRP A 102 19.52 17.97 -8.83
C TRP A 102 19.53 16.53 -8.32
N ILE A 103 19.72 15.56 -9.21
CA ILE A 103 19.74 14.16 -8.81
C ILE A 103 21.13 13.57 -8.53
N ASP A 104 22.18 14.37 -8.76
CA ASP A 104 23.56 13.94 -8.51
C ASP A 104 23.85 13.76 -7.03
N ASP A 105 24.63 12.72 -6.73
CA ASP A 105 25.22 12.53 -5.41
C ASP A 105 25.98 13.76 -5.03
N VAL A 106 25.88 14.14 -3.74
CA VAL A 106 26.59 15.28 -3.21
C VAL A 106 27.51 14.78 -2.12
N ALA A 107 28.81 15.04 -2.28
CA ALA A 107 29.85 14.67 -1.31
C ALA A 107 29.47 15.12 0.09
N GLY A 108 29.56 14.22 1.06
CA GLY A 108 29.26 14.51 2.46
C GLY A 108 27.81 14.81 2.84
N LYS A 109 26.88 14.48 1.94
CA LYS A 109 25.45 14.64 2.18
C LYS A 109 24.74 13.34 1.85
N LYS A 110 23.65 13.06 2.56
CA LYS A 110 22.74 11.97 2.24
C LYS A 110 21.38 12.61 2.02
N LEU A 111 20.96 12.61 0.74
CA LEU A 111 19.82 13.36 0.25
C LEU A 111 18.76 12.45 -0.34
N ILE A 112 17.52 12.94 -0.32
CA ILE A 112 16.42 12.44 -1.14
C ILE A 112 15.97 13.59 -2.04
N THR A 113 15.75 13.30 -3.33
CA THR A 113 15.29 14.29 -4.28
C THR A 113 14.08 13.74 -5.01
N LEU A 114 12.95 14.44 -4.88
CA LEU A 114 11.67 14.07 -5.47
C LEU A 114 11.34 15.05 -6.59
N VAL A 115 10.97 14.49 -7.75
CA VAL A 115 10.78 15.24 -8.99
C VAL A 115 9.43 14.94 -9.60
N THR A 116 8.68 15.99 -9.96
CA THR A 116 7.46 15.85 -10.74
C THR A 116 7.27 17.09 -11.63
N CSD A 117 6.34 17.00 -12.59
CA CSD A 117 5.95 18.12 -13.49
CB CSD A 117 4.83 17.77 -14.45
SG CSD A 117 5.17 16.26 -15.40
C CSD A 117 5.48 19.30 -12.64
O CSD A 117 4.84 19.05 -11.60
OD1 CSD A 117 6.60 16.37 -15.79
OD2 CSD A 117 4.85 15.02 -14.41
N ALA A 118 5.76 20.53 -13.07
CA ALA A 118 5.25 21.72 -12.37
C ALA A 118 3.73 21.87 -12.53
N SER A 119 3.16 21.21 -13.54
CA SER A 119 1.72 21.19 -13.78
C SER A 119 1.35 20.00 -14.66
N PRO A 120 0.04 19.69 -14.86
CA PRO A 120 -0.35 18.59 -15.75
C PRO A 120 -0.40 18.98 -17.24
N THR A 121 -0.23 20.26 -17.58
CA THR A 121 -0.38 20.75 -18.96
C THR A 121 0.60 20.14 -19.95
N GLU A 122 0.15 20.00 -21.20
CA GLU A 122 0.95 19.48 -22.31
C GLU A 122 2.23 20.29 -22.45
N GLY A 123 3.35 19.58 -22.64
CA GLY A 123 4.65 20.17 -22.90
C GLY A 123 5.20 21.05 -21.78
N GLU A 124 4.82 20.77 -20.53
CA GLU A 124 5.32 21.45 -19.35
C GLU A 124 6.83 21.25 -19.28
N VAL A 125 7.58 22.35 -19.23
CA VAL A 125 9.05 22.33 -19.19
C VAL A 125 9.64 22.45 -17.78
N ASP A 126 8.80 22.85 -16.82
CA ASP A 126 9.24 23.06 -15.46
C ASP A 126 8.93 21.82 -14.60
N ARG A 127 9.70 21.68 -13.52
CA ARG A 127 9.58 20.54 -12.56
C ARG A 127 9.55 21.07 -11.13
N ILE A 128 8.70 20.47 -10.29
CA ILE A 128 8.77 20.66 -8.87
C ILE A 128 9.87 19.72 -8.36
N ILE A 129 10.80 20.29 -7.58
CA ILE A 129 11.85 19.55 -6.88
C ILE A 129 11.68 19.76 -5.40
N VAL A 130 11.59 18.65 -4.67
CA VAL A 130 11.60 18.61 -3.22
C VAL A 130 12.83 17.80 -2.84
N GLN A 131 13.74 18.42 -2.09
CA GLN A 131 14.94 17.75 -1.65
C GLN A 131 15.04 17.82 -0.14
N GLY A 132 15.58 16.74 0.45
CA GLY A 132 15.75 16.62 1.88
C GLY A 132 17.01 15.90 2.26
N GLU A 133 17.34 15.99 3.56
CA GLU A 133 18.56 15.48 4.11
C GLU A 133 18.18 14.42 5.12
N LEU A 134 18.96 13.34 5.16
CA LEU A 134 18.65 12.20 6.01
C LEU A 134 18.72 12.59 7.48
N GLN A 135 17.64 12.32 8.20
CA GLN A 135 17.51 12.62 9.63
C GLN A 135 17.69 11.35 10.47
N SER A 136 17.19 10.20 10.00
CA SER A 136 17.36 8.96 10.72
C SER A 136 17.23 7.74 9.84
N VAL A 137 17.85 6.64 10.29
CA VAL A 137 17.67 5.32 9.74
C VAL A 137 17.28 4.46 10.92
N LYS A 138 16.13 3.80 10.81
CA LYS A 138 15.60 3.01 11.95
C LYS A 138 15.17 1.64 11.44
N LYS A 139 15.12 0.67 12.34
CA LYS A 139 14.69 -0.67 11.94
C LYS A 139 13.21 -0.61 11.56
N ALA A 140 12.88 -1.36 10.51
CA ALA A 140 11.52 -1.44 10.02
C ALA A 140 10.73 -2.36 10.95
N ASN A 141 10.31 -1.83 12.09
CA ASN A 141 9.47 -2.56 13.04
C ASN A 141 8.03 -2.05 12.97
N GLN A 142 7.13 -2.63 13.77
CA GLN A 142 5.74 -2.21 13.71
C GLN A 142 5.61 -0.72 13.94
N LYS A 143 6.34 -0.20 14.93
CA LYS A 143 6.23 1.21 15.30
C LYS A 143 6.61 2.12 14.10
N ASN A 144 7.76 1.82 13.49
CA ASN A 144 8.27 2.64 12.38
C ASN A 144 7.57 2.43 11.02
N LEU A 145 6.92 1.28 10.84
CA LEU A 145 6.21 0.93 9.60
C LEU A 145 4.75 1.40 9.56
N LYS A 146 4.18 1.74 10.73
CA LYS A 146 2.81 2.23 10.86
C LYS A 146 2.46 3.33 9.86
N ILE A 147 3.37 4.30 9.69
CA ILE A 147 3.13 5.40 8.76
C ILE A 147 2.97 4.99 7.32
N PHE A 148 3.38 3.77 6.97
CA PHE A 148 3.21 3.26 5.61
C PHE A 148 1.94 2.41 5.41
N LEU A 149 1.06 2.37 6.41
CA LEU A 149 -0.18 1.59 6.30
C LEU A 149 -1.28 2.35 5.54
N ASN B 5 -7.52 9.37 5.67
CA ASN B 5 -7.66 9.34 7.12
C ASN B 5 -8.59 8.23 7.64
N LEU B 6 -8.57 7.08 6.95
CA LEU B 6 -9.23 5.87 7.44
C LEU B 6 -8.41 5.06 8.47
N HIS B 7 -7.08 5.24 8.45
CA HIS B 7 -6.13 4.67 9.41
C HIS B 7 -6.10 3.14 9.33
N PRO B 8 -5.54 2.57 8.24
CA PRO B 8 -5.43 1.12 8.12
C PRO B 8 -4.70 0.51 9.33
N ILE B 9 -5.14 -0.70 9.73
CA ILE B 9 -4.55 -1.42 10.83
C ILE B 9 -3.70 -2.57 10.34
N GLY B 10 -3.66 -2.77 9.01
CA GLY B 10 -2.88 -3.83 8.45
C GLY B 10 -3.00 -3.92 6.96
N LYS B 11 -2.56 -5.05 6.41
CA LYS B 11 -2.66 -5.34 5.00
C LYS B 11 -2.97 -6.79 4.78
N ILE B 12 -3.63 -7.05 3.64
CA ILE B 12 -3.95 -8.40 3.21
C ILE B 12 -3.43 -8.58 1.79
N ALA B 13 -2.90 -9.78 1.54
CA ALA B 13 -2.39 -10.17 0.23
C ALA B 13 -2.85 -11.57 -0.11
N ILE B 14 -3.35 -11.72 -1.34
CA ILE B 14 -3.68 -13.02 -1.92
C ILE B 14 -3.00 -13.09 -3.27
N THR B 15 -1.79 -13.66 -3.28
CA THR B 15 -0.92 -13.62 -4.47
C THR B 15 -1.56 -14.34 -5.65
N SER B 16 -2.35 -15.39 -5.37
CA SER B 16 -2.98 -16.19 -6.41
C SER B 16 -3.96 -15.39 -7.27
N VAL B 17 -4.53 -14.31 -6.74
CA VAL B 17 -5.41 -13.42 -7.50
C VAL B 17 -4.93 -11.99 -7.53
N HIS B 18 -3.65 -11.79 -7.19
CA HIS B 18 -3.02 -10.48 -7.24
C HIS B 18 -3.76 -9.44 -6.42
N LEU B 19 -4.24 -9.84 -5.24
CA LEU B 19 -4.96 -8.92 -4.38
C LEU B 19 -4.01 -8.41 -3.31
N LYS B 20 -3.97 -7.09 -3.14
CA LYS B 20 -3.22 -6.47 -2.07
C LYS B 20 -3.98 -5.22 -1.66
N LEU B 21 -4.48 -5.21 -0.42
CA LEU B 21 -5.36 -4.20 0.08
C LEU B 21 -5.04 -3.87 1.53
N PRO B 22 -5.39 -2.64 1.98
CA PRO B 22 -5.35 -2.31 3.41
C PRO B 22 -6.47 -3.05 4.16
N ILE B 23 -6.20 -3.38 5.43
CA ILE B 23 -7.20 -3.82 6.38
C ILE B 23 -7.51 -2.60 7.23
N LEU B 24 -8.80 -2.34 7.40
CA LEU B 24 -9.32 -1.20 8.15
C LEU B 24 -10.26 -1.70 9.22
N LYS B 25 -10.42 -0.92 10.30
CA LYS B 25 -11.28 -1.32 11.39
C LYS B 25 -12.73 -0.91 11.12
N GLY B 26 -13.62 -1.91 11.09
CA GLY B 26 -15.03 -1.71 10.94
C GLY B 26 -15.49 -1.67 9.52
N LEU B 27 -16.82 -1.69 9.36
CA LEU B 27 -17.48 -1.84 8.07
C LEU B 27 -18.18 -0.56 7.64
N SER B 28 -17.49 0.56 7.79
CA SER B 28 -17.95 1.80 7.20
C SER B 28 -17.92 1.64 5.68
N ASN B 29 -18.79 2.39 4.99
CA ASN B 29 -18.81 2.36 3.54
C ASN B 29 -17.50 2.80 2.94
N ASP B 30 -16.85 3.78 3.56
CA ASP B 30 -15.52 4.21 3.12
C ASP B 30 -14.49 3.06 3.22
N ASN B 31 -14.48 2.36 4.34
CA ASN B 31 -13.59 1.22 4.54
C ASN B 31 -13.81 0.13 3.46
N LEU B 32 -15.07 -0.26 3.29
CA LEU B 32 -15.48 -1.32 2.35
C LEU B 32 -15.13 -0.97 0.91
N SER B 33 -14.99 0.33 0.62
CA SER B 33 -14.61 0.84 -0.70
C SER B 33 -13.11 1.00 -0.89
N ALA B 34 -12.34 0.93 0.19
CA ALA B 34 -10.90 1.12 0.13
C ALA B 34 -10.12 -0.18 0.31
N GLY B 35 -10.72 -1.13 1.01
CA GLY B 35 -10.03 -2.34 1.36
C GLY B 35 -10.91 -3.30 2.11
N ALA B 36 -10.28 -4.09 2.98
CA ALA B 36 -10.95 -5.11 3.78
C ALA B 36 -11.24 -4.54 5.15
N GLY B 37 -12.52 -4.52 5.55
CA GLY B 37 -12.93 -4.03 6.85
C GLY B 37 -13.16 -5.18 7.81
N THR B 38 -12.70 -5.00 9.06
CA THR B 38 -12.89 -6.03 10.09
C THR B 38 -14.37 -6.12 10.44
N MET B 39 -14.89 -7.35 10.46
CA MET B 39 -16.31 -7.57 10.61
C MET B 39 -16.78 -7.63 12.06
N LYS B 40 -15.84 -7.88 12.98
CA LYS B 40 -16.13 -7.94 14.41
C LYS B 40 -15.21 -7.01 15.19
N ALA B 41 -15.72 -6.47 16.30
CA ALA B 41 -15.02 -5.48 17.11
C ALA B 41 -13.72 -5.99 17.70
N ASP B 42 -13.74 -7.23 18.20
CA ASP B 42 -12.68 -7.69 19.10
C ASP B 42 -11.77 -8.78 18.54
N GLN B 43 -11.84 -9.00 17.22
CA GLN B 43 -11.08 -10.07 16.57
C GLN B 43 -9.59 -9.72 16.55
N LYS B 44 -8.74 -10.75 16.49
CA LYS B 44 -7.31 -10.61 16.55
C LYS B 44 -6.68 -11.51 15.51
N MET B 45 -5.66 -11.01 14.81
CA MET B 45 -5.02 -11.77 13.76
C MET B 45 -4.44 -13.03 14.40
N GLY B 46 -4.64 -14.17 13.74
CA GLY B 46 -4.07 -15.42 14.19
C GLY B 46 -4.89 -16.15 15.23
N GLU B 47 -6.01 -15.55 15.67
CA GLU B 47 -6.88 -16.09 16.72
C GLU B 47 -8.30 -16.19 16.22
N GLY B 48 -9.05 -17.15 16.77
CA GLY B 48 -10.47 -17.32 16.51
C GLY B 48 -10.77 -17.32 15.02
N ASN B 49 -11.80 -16.57 14.63
CA ASN B 49 -12.17 -16.39 13.24
C ASN B 49 -12.07 -14.91 12.89
N TYR B 50 -10.97 -14.57 12.23
CA TYR B 50 -10.67 -13.18 11.79
C TYR B 50 -11.45 -12.88 10.50
N ALA B 51 -12.51 -12.08 10.59
CA ALA B 51 -13.44 -11.86 9.49
C ALA B 51 -13.25 -10.50 8.83
N LEU B 52 -13.25 -10.48 7.50
CA LEU B 52 -13.00 -9.28 6.72
C LEU B 52 -13.99 -9.19 5.58
N ALA B 53 -14.57 -8.00 5.38
CA ALA B 53 -15.48 -7.75 4.25
C ALA B 53 -14.99 -6.62 3.39
N GLY B 54 -15.33 -6.69 2.11
CA GLY B 54 -15.02 -5.62 1.17
C GLY B 54 -16.05 -5.63 0.05
N HIS B 55 -16.28 -4.45 -0.53
CA HIS B 55 -17.12 -4.33 -1.69
C HIS B 55 -16.53 -5.14 -2.83
N TYR B 56 -17.40 -5.76 -3.61
CA TYR B 56 -17.06 -6.52 -4.84
C TYR B 56 -16.33 -5.58 -5.80
N MET B 57 -16.94 -4.42 -6.07
CA MET B 57 -16.26 -3.36 -6.79
C MET B 57 -16.77 -2.00 -6.38
N THR B 58 -16.04 -0.97 -6.81
CA THR B 58 -16.40 0.41 -6.55
C THR B 58 -16.56 1.08 -7.92
N ASN B 59 -16.81 2.40 -7.88
CA ASN B 59 -16.78 3.24 -9.07
C ASN B 59 -15.46 3.13 -9.83
N GLN B 60 -14.36 2.98 -9.09
CA GLN B 60 -13.01 2.89 -9.65
C GLN B 60 -12.80 1.62 -10.47
N GLY B 61 -13.29 0.49 -9.93
CA GLY B 61 -13.10 -0.82 -10.53
C GLY B 61 -13.27 -1.91 -9.48
N ILE B 62 -12.57 -3.03 -9.68
CA ILE B 62 -12.62 -4.19 -8.78
C ILE B 62 -12.00 -3.87 -7.42
N LEU B 63 -12.54 -4.49 -6.37
CA LEU B 63 -11.99 -4.37 -5.01
C LEU B 63 -11.79 -5.79 -4.47
N PHE B 64 -12.85 -6.41 -3.97
CA PHE B 64 -12.82 -7.76 -3.39
C PHE B 64 -13.35 -8.81 -4.36
N SER B 65 -13.76 -8.40 -5.56
CA SER B 65 -14.21 -9.36 -6.60
C SER B 65 -13.22 -10.47 -6.93
N PRO B 66 -11.88 -10.28 -6.87
CA PRO B 66 -10.94 -11.37 -7.12
C PRO B 66 -11.13 -12.62 -6.23
N LEU B 67 -11.80 -12.47 -5.08
CA LEU B 67 -12.16 -13.61 -4.23
C LEU B 67 -12.88 -14.72 -5.00
N LYS B 68 -13.67 -14.33 -6.00
CA LYS B 68 -14.39 -15.31 -6.83
C LYS B 68 -13.44 -16.30 -7.54
N ASN B 69 -12.18 -15.89 -7.74
CA ASN B 69 -11.16 -16.72 -8.40
C ASN B 69 -10.18 -17.43 -7.48
N VAL B 70 -10.37 -17.25 -6.17
CA VAL B 70 -9.55 -17.92 -5.18
C VAL B 70 -9.97 -19.37 -5.12
N GLN B 71 -8.98 -20.26 -5.00
CA GLN B 71 -9.21 -21.71 -4.92
C GLN B 71 -8.77 -22.26 -3.58
N THR B 72 -9.44 -23.35 -3.16
CA THR B 72 -9.00 -24.14 -2.03
C THR B 72 -7.52 -24.46 -2.23
N GLY B 73 -6.75 -24.34 -1.14
CA GLY B 73 -5.31 -24.48 -1.19
C GLY B 73 -4.51 -23.21 -1.42
N ASP B 74 -5.16 -22.15 -1.93
CA ASP B 74 -4.48 -20.86 -2.05
C ASP B 74 -4.14 -20.30 -0.67
N THR B 75 -3.10 -19.47 -0.61
CA THR B 75 -2.69 -18.85 0.62
C THR B 75 -3.21 -17.42 0.67
N VAL B 76 -3.56 -16.99 1.89
CA VAL B 76 -3.95 -15.63 2.17
C VAL B 76 -3.09 -15.17 3.32
N ALA B 77 -2.43 -14.01 3.15
CA ALA B 77 -1.57 -13.47 4.20
C ALA B 77 -2.09 -12.13 4.65
N ILE B 78 -2.08 -11.93 5.97
CA ILE B 78 -2.33 -10.65 6.57
C ILE B 78 -1.21 -10.28 7.48
N THR B 79 -1.03 -8.97 7.67
CA THR B 79 -0.05 -8.47 8.61
C THR B 79 -0.54 -7.22 9.29
N ASN B 80 -0.06 -7.03 10.53
CA ASN B 80 -0.25 -5.81 11.28
C ASN B 80 1.06 -5.04 11.37
N MET B 81 2.03 -5.45 10.52
CA MET B 81 3.40 -4.94 10.50
C MET B 81 4.29 -5.36 11.69
N LYS B 82 3.77 -6.23 12.56
CA LYS B 82 4.53 -6.89 13.62
C LYS B 82 4.76 -8.38 13.27
N LYS B 83 3.69 -9.07 12.88
CA LYS B 83 3.76 -10.45 12.45
C LYS B 83 3.02 -10.63 11.14
N VAL B 84 3.33 -11.72 10.43
CA VAL B 84 2.64 -12.04 9.20
C VAL B 84 1.97 -13.38 9.45
N TYR B 85 0.66 -13.40 9.22
CA TYR B 85 -0.23 -14.56 9.45
C TYR B 85 -0.64 -15.12 8.09
N THR B 86 -0.24 -16.37 7.79
CA THR B 86 -0.58 -16.97 6.51
C THR B 86 -1.57 -18.08 6.74
N TYR B 87 -2.67 -18.00 6.00
CA TYR B 87 -3.83 -18.92 6.06
C TYR B 87 -3.89 -19.67 4.73
N LYS B 88 -4.39 -20.91 4.77
CA LYS B 88 -4.60 -21.71 3.57
C LYS B 88 -6.10 -21.88 3.39
N VAL B 89 -6.60 -21.50 2.20
CA VAL B 89 -8.03 -21.55 1.90
C VAL B 89 -8.51 -22.99 1.95
N THR B 90 -9.56 -23.22 2.75
CA THR B 90 -10.18 -24.51 2.93
C THR B 90 -11.54 -24.62 2.25
N THR B 91 -12.21 -23.48 2.00
CA THR B 91 -13.48 -23.49 1.28
C THR B 91 -13.81 -22.15 0.67
N LYS B 92 -14.59 -22.19 -0.41
CA LYS B 92 -15.16 -21.03 -1.06
C LYS B 92 -16.59 -21.41 -1.37
N GLN B 93 -17.53 -20.56 -0.95
CA GLN B 93 -18.98 -20.81 -1.02
C GLN B 93 -19.68 -19.53 -1.41
N ILE B 94 -20.84 -19.66 -2.05
CA ILE B 94 -21.74 -18.53 -2.31
C ILE B 94 -22.94 -18.77 -1.41
N VAL B 95 -23.22 -17.81 -0.53
CA VAL B 95 -24.23 -17.99 0.50
C VAL B 95 -25.12 -16.76 0.54
N ASN B 96 -26.28 -16.89 1.17
CA ASN B 96 -27.17 -15.77 1.41
C ASN B 96 -26.56 -14.86 2.48
N GLU B 97 -26.74 -13.55 2.32
CA GLU B 97 -26.29 -12.55 3.29
C GLU B 97 -26.72 -12.82 4.75
N THR B 98 -27.78 -13.61 4.94
CA THR B 98 -28.28 -13.92 6.30
C THR B 98 -27.42 -14.95 7.05
N GLN B 99 -26.50 -15.61 6.34
CA GLN B 99 -25.67 -16.68 6.92
C GLN B 99 -24.49 -16.10 7.70
N VAL B 100 -24.80 -15.39 8.78
CA VAL B 100 -23.80 -14.65 9.55
C VAL B 100 -22.91 -15.55 10.39
N GLN B 101 -23.29 -16.82 10.56
CA GLN B 101 -22.51 -17.75 11.36
C GLN B 101 -21.10 -18.02 10.78
N TRP B 102 -20.92 -17.74 9.49
CA TRP B 102 -19.63 -17.88 8.84
C TRP B 102 -18.49 -17.08 9.50
N ILE B 103 -18.85 -16.00 10.21
CA ILE B 103 -17.85 -15.16 10.88
C ILE B 103 -17.63 -15.49 12.36
N ASP B 104 -18.41 -16.43 12.90
CA ASP B 104 -18.28 -16.83 14.30
C ASP B 104 -16.96 -17.57 14.56
N ASP B 105 -16.37 -17.31 15.72
CA ASP B 105 -15.23 -18.07 16.22
C ASP B 105 -15.65 -19.54 16.27
N VAL B 106 -14.71 -20.41 15.93
CA VAL B 106 -14.92 -21.85 15.99
C VAL B 106 -13.89 -22.38 16.97
N ALA B 107 -14.37 -23.03 18.03
CA ALA B 107 -13.52 -23.64 19.06
C ALA B 107 -12.50 -24.58 18.41
N GLY B 108 -11.24 -24.46 18.83
CA GLY B 108 -10.15 -25.27 18.33
C GLY B 108 -9.69 -25.06 16.89
N LYS B 109 -10.15 -23.97 16.27
CA LYS B 109 -9.76 -23.59 14.92
C LYS B 109 -9.28 -22.14 14.93
N LYS B 110 -8.33 -21.81 14.05
CA LYS B 110 -7.89 -20.45 13.81
C LYS B 110 -8.11 -20.20 12.33
N LEU B 111 -9.10 -19.35 12.05
CA LEU B 111 -9.66 -19.16 10.74
C LEU B 111 -9.55 -17.72 10.29
N ILE B 112 -9.52 -17.52 8.98
CA ILE B 112 -9.78 -16.24 8.33
C ILE B 112 -11.01 -16.45 7.44
N THR B 113 -11.92 -15.48 7.43
CA THR B 113 -13.13 -15.54 6.64
C THR B 113 -13.27 -14.21 5.89
N LEU B 114 -13.27 -14.30 4.55
CA LEU B 114 -13.36 -13.16 3.67
C LEU B 114 -14.71 -13.17 2.97
N VAL B 115 -15.39 -12.02 2.99
CA VAL B 115 -16.77 -11.85 2.54
C VAL B 115 -16.88 -10.70 1.54
N THR B 116 -17.56 -10.96 0.42
CA THR B 116 -17.91 -9.91 -0.53
C THR B 116 -19.22 -10.28 -1.23
N CSD B 117 -19.81 -9.31 -1.94
CA CSD B 117 -21.04 -9.50 -2.75
CB CSD B 117 -21.48 -8.24 -3.52
SG CSD B 117 -21.64 -6.79 -2.48
C CSD B 117 -20.79 -10.60 -3.78
O CSD B 117 -19.66 -10.65 -4.30
OD1 CSD B 117 -22.23 -7.26 -1.21
OD2 CSD B 117 -20.17 -6.25 -2.15
N ALA B 118 -21.80 -11.40 -4.10
CA ALA B 118 -21.69 -12.43 -5.12
C ALA B 118 -21.56 -11.81 -6.53
N SER B 119 -21.98 -10.54 -6.67
CA SER B 119 -21.92 -9.82 -7.92
C SER B 119 -22.03 -8.32 -7.66
N PRO B 120 -21.81 -7.45 -8.67
CA PRO B 120 -21.96 -6.00 -8.48
C PRO B 120 -23.41 -5.48 -8.60
N THR B 121 -24.35 -6.33 -9.01
CA THR B 121 -25.73 -5.92 -9.29
C THR B 121 -26.45 -5.33 -8.08
N GLU B 122 -27.36 -4.37 -8.36
CA GLU B 122 -28.16 -3.71 -7.33
C GLU B 122 -28.97 -4.76 -6.56
N GLY B 123 -29.00 -4.63 -5.22
CA GLY B 123 -29.76 -5.51 -4.36
C GLY B 123 -29.32 -6.97 -4.34
N GLU B 124 -28.03 -7.21 -4.58
CA GLU B 124 -27.46 -8.56 -4.51
C GLU B 124 -27.58 -9.05 -3.08
N VAL B 125 -28.23 -10.21 -2.90
CA VAL B 125 -28.48 -10.82 -1.59
C VAL B 125 -27.47 -11.92 -1.23
N ASP B 126 -26.70 -12.38 -2.23
CA ASP B 126 -25.74 -13.44 -2.03
C ASP B 126 -24.34 -12.88 -1.79
N ARG B 127 -23.51 -13.69 -1.13
CA ARG B 127 -22.12 -13.32 -0.75
C ARG B 127 -21.16 -14.46 -1.12
N ILE B 128 -20.00 -14.09 -1.66
CA ILE B 128 -18.86 -15.00 -1.78
C ILE B 128 -18.20 -15.05 -0.42
N ILE B 129 -17.96 -16.27 0.07
CA ILE B 129 -17.22 -16.54 1.30
C ILE B 129 -16.02 -17.38 0.97
N VAL B 130 -14.83 -16.90 1.35
CA VAL B 130 -13.58 -17.61 1.26
C VAL B 130 -13.09 -17.76 2.71
N GLN B 131 -12.94 -19.00 3.16
CA GLN B 131 -12.45 -19.26 4.50
C GLN B 131 -11.18 -20.10 4.44
N GLY B 132 -10.27 -19.85 5.38
CA GLY B 132 -9.00 -20.53 5.49
C GLY B 132 -8.60 -20.77 6.92
N GLU B 133 -7.58 -21.63 7.08
CA GLU B 133 -7.09 -22.09 8.36
C GLU B 133 -5.65 -21.62 8.46
N LEU B 134 -5.25 -21.21 9.67
CA LEU B 134 -3.93 -20.64 9.89
C LEU B 134 -2.84 -21.70 9.63
N GLN B 135 -1.90 -21.33 8.75
CA GLN B 135 -0.77 -22.17 8.40
C GLN B 135 0.51 -21.75 9.13
N SER B 136 0.77 -20.43 9.23
CA SER B 136 1.97 -19.96 9.89
C SER B 136 1.82 -18.54 10.45
N VAL B 137 2.64 -18.23 11.45
CA VAL B 137 2.77 -16.89 12.00
C VAL B 137 4.25 -16.65 12.04
N LYS B 138 4.71 -15.59 11.37
CA LYS B 138 6.13 -15.28 11.30
C LYS B 138 6.37 -13.81 11.63
N LYS B 139 7.60 -13.47 11.98
CA LYS B 139 7.96 -12.08 12.24
C LYS B 139 7.85 -11.30 10.94
N ALA B 140 7.33 -10.08 11.06
CA ALA B 140 7.20 -9.18 9.92
C ALA B 140 8.56 -8.57 9.64
N ASN B 141 9.42 -9.34 8.99
CA ASN B 141 10.75 -8.87 8.57
C ASN B 141 10.73 -8.60 7.07
N GLN B 142 11.85 -8.13 6.50
CA GLN B 142 11.87 -7.79 5.09
C GLN B 142 11.41 -8.98 4.23
N LYS B 143 11.91 -10.18 4.56
CA LYS B 143 11.61 -11.37 3.77
C LYS B 143 10.10 -11.64 3.74
N ASN B 144 9.47 -11.62 4.92
CA ASN B 144 8.04 -11.96 5.03
C ASN B 144 7.08 -10.81 4.63
N LEU B 145 7.57 -9.57 4.61
CA LEU B 145 6.79 -8.39 4.23
C LEU B 145 6.80 -8.08 2.73
N LYS B 146 7.75 -8.66 1.99
CA LYS B 146 7.92 -8.45 0.55
C LYS B 146 6.62 -8.62 -0.22
N ILE B 147 5.84 -9.66 0.12
CA ILE B 147 4.58 -9.91 -0.57
C ILE B 147 3.55 -8.80 -0.41
N PHE B 148 3.74 -7.91 0.56
CA PHE B 148 2.84 -6.79 0.75
C PHE B 148 3.33 -5.47 0.07
N LEU B 149 4.39 -5.56 -0.75
CA LEU B 149 4.91 -4.39 -1.46
C LEU B 149 4.10 -4.05 -2.71
N ALA C 1 10.53 13.76 -14.83
CA ALA C 1 11.80 13.29 -15.45
C ALA C 1 12.59 14.46 -16.08
N LEU C 2 13.66 14.89 -15.40
CA LEU C 2 14.62 15.85 -15.92
C LEU C 2 15.42 15.21 -17.05
N THR C 3 15.74 15.98 -18.10
CA THR C 3 16.37 15.44 -19.32
C THR C 3 17.72 14.73 -19.04
N ALA D 1 -20.94 -7.62 3.52
CA ALA D 1 -21.54 -7.49 4.88
C ALA D 1 -22.75 -8.43 5.06
N LEU D 2 -22.53 -9.55 5.75
CA LEU D 2 -23.61 -10.44 6.22
C LEU D 2 -24.39 -9.71 7.33
N THR D 3 -25.71 -9.87 7.34
CA THR D 3 -26.61 -9.13 8.24
C THR D 3 -26.27 -9.37 9.73
P PO4 E . 17.99 -0.43 -1.03
O1 PO4 E . 17.88 0.95 -1.65
O2 PO4 E . 16.61 -0.97 -0.68
O3 PO4 E . 18.64 -1.35 -2.05
O4 PO4 E . 18.85 -0.37 0.22
P PO4 F . 13.22 3.28 17.48
O1 PO4 F . 11.89 2.98 16.80
O2 PO4 F . 13.24 4.73 17.95
O3 PO4 F . 14.37 3.05 16.49
O4 PO4 F . 13.41 2.36 18.67
P PO4 G . 21.61 -2.44 5.60
O1 PO4 G . 21.80 -1.82 4.22
O2 PO4 G . 20.15 -2.80 5.81
O3 PO4 G . 22.46 -3.71 5.70
O4 PO4 G . 22.04 -1.45 6.67
P PO4 H . -3.93 -7.59 16.00
O1 PO4 H . -5.08 -8.22 15.25
O2 PO4 H . -4.50 -6.89 17.23
O3 PO4 H . -3.19 -6.56 15.11
O4 PO4 H . -2.94 -8.68 16.41
P PO4 I . 11.35 -17.01 8.22
O1 PO4 I . 10.77 -17.06 6.80
O2 PO4 I . 10.27 -16.63 9.22
O3 PO4 I . 12.48 -15.98 8.27
O4 PO4 I . 11.90 -18.39 8.58
C1 EDO J . 15.46 -7.96 7.73
O1 EDO J . 14.22 -7.40 8.10
C2 EDO J . 16.20 -8.48 8.89
O2 EDO J . 15.36 -9.18 9.76
#